data_6Y9G
#
_entry.id   6Y9G
#
_cell.length_a   63.871
_cell.length_b   51.365
_cell.length_c   78.419
_cell.angle_alpha   90.000
_cell.angle_beta   94.070
_cell.angle_gamma   90.000
#
_symmetry.space_group_name_H-M   'P 1 21 1'
#
loop_
_entity.id
_entity.type
_entity.pdbx_description
1 polymer 'Ancestral haloalkane dehalogenase AncHLD5'
2 water water
#
_entity_poly.entity_id   1
_entity_poly.type   'polypeptide(L)'
_entity_poly.pdbx_seq_one_letter_code
;MSTQISAEFPFERRHVEVLGSTMHYVETGEGPPVLFLHGNPTSSYLWRNIIPHVADHGRCIAPDLIGMGQSGKPDIDYRF
ADHVRYLDAFIDALGLDDVTLVVHDWGSALGFHWARRHPDRVKGIAFMEAIVRPMPSWDDFPPQARELFQALRTPGVGEK
MILEQNMFIEKILPGSVLRPLSEEEMDAYRAPFPTPESRKPVLQWPRELPIDGEPADVVAIVEAYAEWLATSDVPKLLFY
AEPGALISPEQVEWCRENLPNLEVVHVGPGLHFLQEDQPDAIGQAIADWLQRLASRSSHHHHHH
;
_entity_poly.pdbx_strand_id   A,B
#
# COMPACT_ATOMS: atom_id res chain seq x y z
N PRO A 10 15.62 -4.60 2.56
CA PRO A 10 14.31 -4.06 2.92
C PRO A 10 13.24 -5.15 3.16
N PHE A 11 13.62 -6.40 2.94
CA PHE A 11 12.72 -7.53 3.12
C PHE A 11 13.25 -8.44 4.22
N GLU A 12 12.33 -9.09 4.94
CA GLU A 12 12.74 -10.19 5.80
C GLU A 12 13.14 -11.37 4.92
N ARG A 13 14.23 -12.04 5.27
CA ARG A 13 14.66 -13.26 4.58
C ARG A 13 14.46 -14.43 5.54
N ARG A 14 13.76 -15.47 5.07
CA ARG A 14 13.47 -16.59 5.95
C ARG A 14 13.67 -17.89 5.20
N HIS A 15 13.98 -18.94 5.97
CA HIS A 15 13.98 -20.29 5.45
C HIS A 15 12.90 -21.06 6.20
N VAL A 16 12.27 -22.00 5.50
CA VAL A 16 11.23 -22.82 6.10
C VAL A 16 11.49 -24.27 5.68
N GLU A 17 11.41 -25.19 6.63
CA GLU A 17 11.59 -26.60 6.30
C GLU A 17 10.40 -27.10 5.50
N VAL A 18 10.67 -27.74 4.36
N VAL A 18 10.68 -27.78 4.38
CA VAL A 18 9.61 -28.29 3.53
CA VAL A 18 9.65 -28.26 3.48
C VAL A 18 10.07 -29.64 2.99
C VAL A 18 10.07 -29.63 2.96
N LEU A 19 9.25 -30.66 3.22
CA LEU A 19 9.45 -32.02 2.70
C LEU A 19 10.91 -32.50 2.83
N GLY A 20 11.48 -32.27 4.01
CA GLY A 20 12.85 -32.71 4.26
C GLY A 20 13.93 -31.83 3.65
N SER A 21 13.57 -30.78 2.93
CA SER A 21 14.55 -29.81 2.47
C SER A 21 14.15 -28.46 3.05
N THR A 22 14.62 -27.37 2.44
CA THR A 22 14.28 -26.05 2.94
C THR A 22 13.94 -25.16 1.75
N MET A 23 13.09 -24.18 1.99
CA MET A 23 12.79 -23.20 0.96
C MET A 23 13.03 -21.82 1.54
N HIS A 24 13.71 -20.97 0.77
CA HIS A 24 13.97 -19.60 1.16
C HIS A 24 12.87 -18.70 0.63
N TYR A 25 12.47 -17.70 1.42
CA TYR A 25 11.53 -16.72 0.88
C TYR A 25 11.82 -15.36 1.49
N VAL A 26 11.34 -14.33 0.83
CA VAL A 26 11.42 -12.98 1.37
C VAL A 26 10.00 -12.52 1.61
N GLU A 27 9.83 -11.67 2.61
CA GLU A 27 8.48 -11.22 2.90
C GLU A 27 8.56 -9.81 3.47
N THR A 28 7.49 -9.06 3.25
CA THR A 28 7.41 -7.72 3.80
C THR A 28 5.96 -7.29 3.75
N GLY A 29 5.58 -6.42 4.68
CA GLY A 29 4.22 -5.94 4.75
C GLY A 29 3.32 -6.81 5.60
N GLU A 30 2.09 -6.33 5.75
CA GLU A 30 1.07 -6.99 6.54
C GLU A 30 -0.26 -6.87 5.82
N GLY A 31 -1.16 -7.80 6.11
CA GLY A 31 -2.45 -7.82 5.47
C GLY A 31 -2.67 -9.10 4.68
N PRO A 32 -3.59 -9.07 3.73
CA PRO A 32 -3.85 -10.27 2.91
C PRO A 32 -2.60 -10.64 2.12
N PRO A 33 -2.29 -11.92 1.99
CA PRO A 33 -1.02 -12.31 1.37
C PRO A 33 -1.04 -12.07 -0.13
N VAL A 34 0.11 -11.65 -0.65
CA VAL A 34 0.34 -11.53 -2.08
C VAL A 34 1.56 -12.41 -2.36
N LEU A 35 1.35 -13.48 -3.12
CA LEU A 35 2.36 -14.50 -3.34
C LEU A 35 2.95 -14.35 -4.74
N PHE A 36 4.25 -14.07 -4.80
CA PHE A 36 4.97 -13.82 -6.06
C PHE A 36 5.69 -15.09 -6.44
N LEU A 37 5.43 -15.60 -7.64
CA LEU A 37 6.06 -16.84 -8.09
C LEU A 37 6.90 -16.60 -9.33
N HIS A 38 8.22 -16.71 -9.19
CA HIS A 38 9.13 -16.60 -10.32
C HIS A 38 9.10 -17.89 -11.16
N GLY A 39 9.80 -17.84 -12.30
CA GLY A 39 9.99 -19.01 -13.13
C GLY A 39 11.45 -19.34 -13.38
N ASN A 40 11.77 -19.80 -14.59
CA ASN A 40 13.10 -20.30 -14.93
C ASN A 40 13.90 -19.23 -15.68
N PRO A 41 15.18 -19.01 -15.36
CA PRO A 41 16.02 -19.51 -14.28
C PRO A 41 16.21 -18.46 -13.21
N THR A 42 15.12 -17.94 -12.67
CA THR A 42 15.20 -16.80 -11.78
C THR A 42 14.92 -17.24 -10.34
N SER A 43 14.54 -16.28 -9.51
CA SER A 43 14.33 -16.52 -8.10
C SER A 43 13.51 -15.37 -7.57
N SER A 44 13.29 -15.32 -6.26
CA SER A 44 12.60 -14.18 -5.68
C SER A 44 13.24 -12.84 -6.05
N TYR A 45 14.53 -12.87 -6.43
CA TYR A 45 15.24 -11.66 -6.86
C TYR A 45 14.50 -10.97 -7.99
N LEU A 46 13.87 -11.75 -8.87
CA LEU A 46 13.07 -11.19 -9.97
C LEU A 46 12.05 -10.16 -9.49
N TRP A 47 11.55 -10.29 -8.27
CA TRP A 47 10.46 -9.45 -7.79
C TRP A 47 10.94 -8.30 -6.91
N ARG A 48 12.25 -8.11 -6.81
CA ARG A 48 12.78 -7.21 -5.78
C ARG A 48 12.32 -5.79 -5.97
N ASN A 49 12.08 -5.37 -7.21
CA ASN A 49 11.67 -3.99 -7.50
C ASN A 49 10.19 -3.83 -7.75
N ILE A 50 9.44 -4.92 -7.68
CA ILE A 50 7.99 -4.91 -7.81
C ILE A 50 7.34 -4.93 -6.45
N ILE A 51 7.82 -5.84 -5.59
CA ILE A 51 7.35 -5.96 -4.21
C ILE A 51 7.22 -4.63 -3.48
N PRO A 52 8.21 -3.71 -3.53
CA PRO A 52 8.06 -2.46 -2.78
C PRO A 52 6.83 -1.64 -3.16
N HIS A 53 6.34 -1.79 -4.39
CA HIS A 53 5.14 -1.07 -4.80
C HIS A 53 3.91 -1.66 -4.13
N VAL A 54 3.95 -2.96 -3.80
CA VAL A 54 2.81 -3.71 -3.30
C VAL A 54 2.82 -3.84 -1.78
N ALA A 55 3.96 -3.58 -1.13
CA ALA A 55 4.17 -4.02 0.25
C ALA A 55 3.23 -3.34 1.23
N ASP A 56 2.83 -2.09 0.98
CA ASP A 56 1.88 -1.45 1.87
C ASP A 56 0.45 -1.99 1.70
N HIS A 57 0.19 -2.78 0.67
CA HIS A 57 -1.15 -3.29 0.40
C HIS A 57 -1.40 -4.70 0.89
N GLY A 58 -0.36 -5.44 1.26
CA GLY A 58 -0.61 -6.78 1.74
C GLY A 58 0.69 -7.37 2.26
N ARG A 59 0.61 -8.61 2.67
CA ARG A 59 1.79 -9.34 3.14
C ARG A 59 2.41 -9.96 1.90
N CYS A 60 3.49 -9.38 1.41
CA CYS A 60 4.12 -9.81 0.17
C CYS A 60 5.09 -10.94 0.47
N ILE A 61 4.96 -12.04 -0.25
CA ILE A 61 5.72 -13.25 0.01
C ILE A 61 6.27 -13.74 -1.31
N ALA A 62 7.58 -13.92 -1.39
CA ALA A 62 8.22 -14.37 -2.62
C ALA A 62 9.16 -15.52 -2.30
N PRO A 63 8.76 -16.77 -2.57
CA PRO A 63 9.65 -17.91 -2.33
C PRO A 63 10.60 -18.12 -3.49
N ASP A 64 11.73 -18.77 -3.18
CA ASP A 64 12.57 -19.37 -4.19
C ASP A 64 12.06 -20.79 -4.39
N LEU A 65 11.73 -21.16 -5.63
CA LEU A 65 11.25 -22.52 -5.85
C LEU A 65 12.34 -23.50 -5.47
N ILE A 66 11.94 -24.76 -5.20
CA ILE A 66 12.92 -25.72 -4.69
C ILE A 66 14.01 -25.89 -5.73
N GLY A 67 15.23 -26.00 -5.25
CA GLY A 67 16.38 -26.09 -6.12
C GLY A 67 16.82 -24.78 -6.75
N MET A 68 16.17 -23.65 -6.42
CA MET A 68 16.47 -22.38 -7.05
C MET A 68 16.67 -21.32 -5.98
N GLY A 69 17.27 -20.19 -6.35
CA GLY A 69 17.54 -19.15 -5.37
C GLY A 69 18.33 -19.69 -4.19
N GLN A 70 17.91 -19.32 -2.98
CA GLN A 70 18.56 -19.81 -1.77
C GLN A 70 17.82 -21.00 -1.17
N SER A 71 16.90 -21.60 -1.92
CA SER A 71 16.23 -22.79 -1.43
C SER A 71 17.15 -24.02 -1.52
N GLY A 72 16.80 -25.05 -0.75
CA GLY A 72 17.54 -26.29 -0.79
C GLY A 72 17.56 -26.92 -2.17
N LYS A 73 18.53 -27.81 -2.34
CA LYS A 73 18.75 -28.51 -3.61
C LYS A 73 18.72 -30.01 -3.33
N PRO A 74 17.54 -30.56 -3.06
CA PRO A 74 17.45 -32.00 -2.79
C PRO A 74 17.68 -32.80 -4.06
N ASP A 75 17.93 -34.10 -3.87
CA ASP A 75 18.19 -35.02 -4.98
C ASP A 75 16.85 -35.52 -5.53
N ILE A 76 16.25 -34.72 -6.40
CA ILE A 76 14.94 -35.02 -6.99
C ILE A 76 15.02 -34.77 -8.49
N ASP A 77 13.94 -35.13 -9.20
CA ASP A 77 13.88 -34.95 -10.65
C ASP A 77 13.66 -33.50 -11.06
N TYR A 78 13.11 -32.67 -10.18
CA TYR A 78 12.75 -31.29 -10.50
C TYR A 78 11.76 -31.23 -11.66
N ARG A 79 10.92 -32.24 -11.78
CA ARG A 79 9.81 -32.13 -12.72
C ARG A 79 8.77 -31.17 -12.15
N PHE A 80 7.82 -30.75 -13.02
CA PHE A 80 6.77 -29.85 -12.55
C PHE A 80 6.07 -30.42 -11.32
N ALA A 81 5.81 -31.73 -11.33
CA ALA A 81 5.09 -32.35 -10.22
C ALA A 81 5.87 -32.28 -8.92
N ASP A 82 7.21 -32.36 -8.99
CA ASP A 82 8.04 -32.15 -7.81
C ASP A 82 7.86 -30.73 -7.29
N HIS A 83 7.95 -29.75 -8.17
CA HIS A 83 7.79 -28.37 -7.74
C HIS A 83 6.41 -28.14 -7.12
N VAL A 84 5.40 -28.80 -7.67
CA VAL A 84 4.05 -28.64 -7.12
C VAL A 84 4.03 -29.06 -5.66
N ARG A 85 4.63 -30.22 -5.38
CA ARG A 85 4.64 -30.72 -4.00
C ARG A 85 5.36 -29.75 -3.07
N TYR A 86 6.56 -29.28 -3.46
CA TYR A 86 7.27 -28.37 -2.57
C TYR A 86 6.50 -27.07 -2.36
N LEU A 87 5.97 -26.50 -3.44
CA LEU A 87 5.27 -25.22 -3.30
C LEU A 87 3.96 -25.40 -2.52
N ASP A 88 3.26 -26.51 -2.71
CA ASP A 88 2.06 -26.76 -1.91
C ASP A 88 2.41 -26.75 -0.43
N ALA A 89 3.49 -27.43 -0.07
CA ALA A 89 3.92 -27.49 1.33
C ALA A 89 4.35 -26.12 1.83
N PHE A 90 5.07 -25.34 1.00
CA PHE A 90 5.43 -23.98 1.39
C PHE A 90 4.19 -23.13 1.67
N ILE A 91 3.22 -23.15 0.75
CA ILE A 91 2.05 -22.32 0.95
C ILE A 91 1.32 -22.74 2.23
N ASP A 92 1.18 -24.05 2.45
CA ASP A 92 0.57 -24.54 3.68
C ASP A 92 1.45 -24.23 4.89
N ALA A 93 2.77 -24.15 4.71
CA ALA A 93 3.66 -23.84 5.83
C ALA A 93 3.46 -22.44 6.34
N LEU A 94 3.09 -21.51 5.46
CA LEU A 94 2.82 -20.14 5.86
C LEU A 94 1.34 -19.92 6.16
N GLY A 95 0.49 -20.93 5.94
CA GLY A 95 -0.92 -20.83 6.24
C GLY A 95 -1.63 -19.79 5.41
N LEU A 96 -1.36 -19.77 4.11
CA LEU A 96 -1.83 -18.68 3.26
C LEU A 96 -3.28 -18.91 2.85
N ASP A 97 -4.10 -17.88 3.02
CA ASP A 97 -5.51 -17.91 2.66
C ASP A 97 -5.86 -16.56 2.03
N ASP A 98 -6.90 -16.55 1.20
CA ASP A 98 -7.31 -15.34 0.50
C ASP A 98 -6.11 -14.75 -0.25
N VAL A 99 -5.45 -15.59 -1.04
CA VAL A 99 -4.15 -15.28 -1.63
C VAL A 99 -4.35 -14.57 -2.96
N THR A 100 -3.64 -13.46 -3.14
CA THR A 100 -3.46 -12.87 -4.47
C THR A 100 -2.17 -13.41 -5.05
N LEU A 101 -2.24 -14.00 -6.24
CA LEU A 101 -1.06 -14.53 -6.90
C LEU A 101 -0.51 -13.53 -7.90
N VAL A 102 0.81 -13.38 -7.94
CA VAL A 102 1.49 -12.58 -8.96
C VAL A 102 2.52 -13.48 -9.58
N VAL A 103 2.38 -13.79 -10.87
CA VAL A 103 3.11 -14.93 -11.40
C VAL A 103 3.72 -14.65 -12.75
N HIS A 104 4.76 -15.42 -13.06
CA HIS A 104 5.57 -15.26 -14.27
C HIS A 104 6.07 -16.63 -14.71
N ASP A 105 5.98 -16.93 -16.01
CA ASP A 105 6.69 -18.08 -16.60
C ASP A 105 6.22 -19.36 -15.89
N TRP A 106 7.13 -20.23 -15.45
CA TRP A 106 6.70 -21.45 -14.78
C TRP A 106 5.98 -21.15 -13.47
N GLY A 107 6.27 -20.00 -12.88
CA GLY A 107 5.51 -19.59 -11.70
C GLY A 107 4.03 -19.48 -11.99
N SER A 108 3.68 -19.10 -13.23
CA SER A 108 2.27 -18.98 -13.58
C SER A 108 1.63 -20.35 -13.68
N ALA A 109 2.33 -21.32 -14.26
CA ALA A 109 1.79 -22.68 -14.30
C ALA A 109 1.60 -23.22 -12.88
N LEU A 110 2.61 -23.03 -12.04
CA LEU A 110 2.47 -23.41 -10.64
C LEU A 110 1.31 -22.69 -9.98
N GLY A 111 1.18 -21.39 -10.26
CA GLY A 111 0.15 -20.59 -9.62
C GLY A 111 -1.25 -20.93 -10.12
N PHE A 112 -1.40 -21.07 -11.43
CA PHE A 112 -2.71 -21.46 -11.98
C PHE A 112 -3.13 -22.84 -11.48
N HIS A 113 -2.19 -23.77 -11.42
CA HIS A 113 -2.48 -25.13 -10.96
C HIS A 113 -2.88 -25.13 -9.50
N TRP A 114 -2.20 -24.34 -8.67
CA TRP A 114 -2.56 -24.26 -7.26
C TRP A 114 -3.92 -23.61 -7.09
N ALA A 115 -4.19 -22.55 -7.86
CA ALA A 115 -5.47 -21.85 -7.76
C ALA A 115 -6.63 -22.76 -8.14
N ARG A 116 -6.51 -23.52 -9.23
CA ARG A 116 -7.59 -24.42 -9.61
C ARG A 116 -7.87 -25.44 -8.52
N ARG A 117 -6.82 -25.93 -7.85
CA ARG A 117 -6.97 -26.95 -6.82
C ARG A 117 -7.41 -26.35 -5.49
N HIS A 118 -7.25 -25.05 -5.30
CA HIS A 118 -7.61 -24.37 -4.05
C HIS A 118 -8.48 -23.15 -4.36
N PRO A 119 -9.60 -23.34 -5.06
CA PRO A 119 -10.32 -22.17 -5.60
C PRO A 119 -10.87 -21.26 -4.52
N ASP A 120 -11.12 -21.75 -3.32
CA ASP A 120 -11.67 -20.90 -2.28
C ASP A 120 -10.61 -20.04 -1.59
N ARG A 121 -9.33 -20.37 -1.76
CA ARG A 121 -8.22 -19.67 -1.13
C ARG A 121 -7.56 -18.62 -2.02
N VAL A 122 -8.04 -18.41 -3.24
CA VAL A 122 -7.41 -17.45 -4.15
C VAL A 122 -8.33 -16.25 -4.30
N LYS A 123 -7.74 -15.06 -4.18
CA LYS A 123 -8.45 -13.80 -4.25
C LYS A 123 -8.32 -13.13 -5.60
N GLY A 124 -7.26 -13.45 -6.34
CA GLY A 124 -6.95 -12.76 -7.59
C GLY A 124 -5.66 -13.30 -8.17
N ILE A 125 -5.49 -13.20 -9.49
CA ILE A 125 -4.28 -13.67 -10.16
C ILE A 125 -3.81 -12.60 -11.14
N ALA A 126 -2.61 -12.10 -10.92
CA ALA A 126 -1.91 -11.21 -11.84
C ALA A 126 -0.82 -12.02 -12.51
N PHE A 127 -0.73 -11.94 -13.84
CA PHE A 127 0.18 -12.85 -14.52
C PHE A 127 0.79 -12.16 -15.72
N MET A 128 1.98 -12.60 -16.08
CA MET A 128 2.79 -11.97 -17.11
C MET A 128 3.67 -13.04 -17.71
N GLU A 129 3.85 -12.99 -19.02
CA GLU A 129 4.70 -13.95 -19.73
C GLU A 129 4.43 -15.36 -19.23
N ALA A 130 3.14 -15.72 -19.28
CA ALA A 130 2.61 -16.86 -18.56
C ALA A 130 2.31 -18.01 -19.52
N ILE A 131 2.15 -19.18 -18.92
CA ILE A 131 1.77 -20.38 -19.64
C ILE A 131 0.28 -20.54 -19.37
N VAL A 132 -0.53 -20.02 -20.27
CA VAL A 132 -1.99 -20.07 -20.12
C VAL A 132 -2.57 -21.33 -20.74
N ARG A 133 -2.01 -21.76 -21.86
CA ARG A 133 -2.53 -22.82 -22.70
C ARG A 133 -1.37 -23.71 -23.11
N PRO A 134 -1.64 -24.97 -23.44
CA PRO A 134 -0.60 -25.81 -24.05
C PRO A 134 -0.28 -25.32 -25.46
N MET A 135 0.95 -25.59 -25.89
CA MET A 135 1.41 -25.13 -27.19
C MET A 135 1.26 -26.26 -28.19
N PRO A 136 0.24 -26.24 -29.05
CA PRO A 136 -0.13 -27.46 -29.79
C PRO A 136 0.92 -27.92 -30.79
N SER A 137 1.71 -27.01 -31.37
CA SER A 137 2.71 -27.44 -32.34
C SER A 137 3.94 -26.55 -32.22
N TRP A 138 5.06 -27.09 -32.69
CA TRP A 138 6.29 -26.31 -32.78
C TRP A 138 6.16 -25.15 -33.75
N ASP A 139 5.21 -25.22 -34.68
CA ASP A 139 5.01 -24.15 -35.64
C ASP A 139 4.53 -22.86 -35.00
N ASP A 140 3.87 -22.95 -33.84
CA ASP A 140 3.44 -21.74 -33.14
C ASP A 140 4.61 -20.94 -32.60
N PHE A 141 5.78 -21.56 -32.48
CA PHE A 141 6.91 -20.88 -31.85
C PHE A 141 7.65 -20.01 -32.86
N PRO A 142 8.11 -18.84 -32.43
CA PRO A 142 9.10 -18.11 -33.22
C PRO A 142 10.28 -19.03 -33.50
N PRO A 143 10.87 -18.94 -34.71
CA PRO A 143 11.95 -19.87 -35.05
C PRO A 143 13.08 -19.90 -34.05
N GLN A 144 13.40 -18.73 -33.47
CA GLN A 144 14.49 -18.64 -32.49
C GLN A 144 14.20 -19.53 -31.29
N ALA A 145 13.05 -19.31 -30.64
CA ALA A 145 12.69 -20.13 -29.48
C ALA A 145 12.48 -21.59 -29.87
N ARG A 146 12.01 -21.85 -31.09
CA ARG A 146 11.80 -23.24 -31.52
C ARG A 146 13.10 -24.02 -31.50
N GLU A 147 14.15 -23.49 -32.13
CA GLU A 147 15.43 -24.19 -32.17
C GLU A 147 16.01 -24.37 -30.78
N LEU A 148 15.92 -23.33 -29.94
CA LEU A 148 16.42 -23.43 -28.57
C LEU A 148 15.69 -24.50 -27.79
N PHE A 149 14.35 -24.45 -27.77
CA PHE A 149 13.58 -25.40 -26.99
C PHE A 149 13.77 -26.82 -27.52
N GLN A 150 13.80 -26.98 -28.84
CA GLN A 150 14.05 -28.31 -29.39
C GLN A 150 15.43 -28.83 -29.00
N ALA A 151 16.43 -27.95 -28.98
CA ALA A 151 17.77 -28.36 -28.58
C ALA A 151 17.82 -28.71 -27.10
N LEU A 152 17.22 -27.86 -26.24
CA LEU A 152 17.24 -28.16 -24.81
C LEU A 152 16.51 -29.47 -24.50
N ARG A 153 15.47 -29.76 -25.26
CA ARG A 153 14.67 -30.94 -24.97
C ARG A 153 15.28 -32.21 -25.54
N THR A 154 16.39 -32.07 -26.24
CA THR A 154 17.11 -33.22 -26.78
C THR A 154 18.07 -33.77 -25.75
N PRO A 155 17.97 -35.04 -25.38
CA PRO A 155 18.97 -35.61 -24.46
C PRO A 155 20.38 -35.45 -25.03
N GLY A 156 21.33 -35.21 -24.14
CA GLY A 156 22.69 -34.92 -24.54
C GLY A 156 22.93 -33.45 -24.89
N VAL A 157 22.21 -32.93 -25.87
CA VAL A 157 22.41 -31.55 -26.28
C VAL A 157 22.05 -30.60 -25.15
N GLY A 158 20.85 -30.78 -24.56
CA GLY A 158 20.44 -29.89 -23.49
C GLY A 158 21.39 -29.93 -22.31
N GLU A 159 21.86 -31.13 -21.95
CA GLU A 159 22.83 -31.25 -20.87
C GLU A 159 24.11 -30.47 -21.20
N LYS A 160 24.60 -30.59 -22.44
CA LYS A 160 25.76 -29.82 -22.84
C LYS A 160 25.50 -28.32 -22.71
N MET A 161 24.31 -27.87 -23.11
CA MET A 161 24.03 -26.43 -23.19
C MET A 161 23.87 -25.82 -21.80
N ILE A 162 23.23 -26.52 -20.88
CA ILE A 162 22.90 -25.96 -19.58
C ILE A 162 23.79 -26.52 -18.48
N LEU A 163 24.02 -27.83 -18.46
CA LEU A 163 24.74 -28.41 -17.33
C LEU A 163 26.25 -28.30 -17.52
N GLU A 164 26.80 -29.18 -18.35
CA GLU A 164 28.23 -29.24 -18.60
C GLU A 164 28.69 -28.06 -19.45
N GLN A 165 28.28 -26.85 -19.08
CA GLN A 165 28.71 -25.62 -19.74
C GLN A 165 28.22 -24.39 -18.97
N PHE A 168 24.83 -20.66 -19.98
CA PHE A 168 23.48 -20.57 -20.52
C PHE A 168 22.71 -19.38 -19.94
N ILE A 169 22.71 -19.30 -18.61
CA ILE A 169 22.07 -18.19 -17.90
C ILE A 169 22.68 -16.87 -18.33
N GLU A 170 23.96 -16.88 -18.69
CA GLU A 170 24.61 -15.65 -19.14
C GLU A 170 24.10 -15.19 -20.49
N LYS A 171 23.42 -16.05 -21.25
CA LYS A 171 22.94 -15.69 -22.58
C LYS A 171 21.42 -15.51 -22.66
N ILE A 172 20.62 -16.37 -22.00
CA ILE A 172 19.18 -16.26 -22.17
C ILE A 172 18.61 -15.13 -21.32
N LEU A 173 19.23 -14.85 -20.16
CA LEU A 173 18.74 -13.76 -19.32
C LEU A 173 18.95 -12.41 -19.99
N PRO A 174 20.17 -11.98 -20.31
CA PRO A 174 20.29 -10.69 -21.01
C PRO A 174 19.68 -10.73 -22.38
N GLY A 175 19.58 -11.91 -23.00
CA GLY A 175 18.95 -12.00 -24.30
C GLY A 175 17.49 -11.59 -24.32
N SER A 176 16.79 -11.70 -23.19
CA SER A 176 15.37 -11.36 -23.13
C SER A 176 15.11 -10.26 -22.11
N VAL A 177 16.03 -9.31 -22.02
CA VAL A 177 15.83 -8.04 -21.35
C VAL A 177 16.29 -6.96 -22.32
N LEU A 178 15.46 -5.94 -22.54
CA LEU A 178 15.81 -4.93 -23.55
C LEU A 178 16.97 -4.07 -23.09
N ARG A 179 16.89 -3.55 -21.87
CA ARG A 179 17.98 -2.69 -21.41
C ARG A 179 19.16 -3.56 -20.96
N PRO A 180 20.36 -3.01 -20.90
CA PRO A 180 21.50 -3.81 -20.45
C PRO A 180 21.33 -4.25 -19.01
N LEU A 181 21.46 -5.54 -18.77
CA LEU A 181 21.49 -6.06 -17.41
C LEU A 181 22.85 -5.77 -16.78
N SER A 182 22.85 -5.26 -15.56
CA SER A 182 24.11 -5.00 -14.90
C SER A 182 24.81 -6.30 -14.50
N GLU A 183 26.14 -6.21 -14.38
CA GLU A 183 26.92 -7.31 -13.83
C GLU A 183 26.43 -7.72 -12.45
N GLU A 184 26.05 -6.75 -11.61
CA GLU A 184 25.58 -7.08 -10.27
C GLU A 184 24.25 -7.83 -10.30
N GLU A 185 23.32 -7.42 -11.18
CA GLU A 185 22.09 -8.20 -11.33
C GLU A 185 22.39 -9.59 -11.90
N MET A 186 23.30 -9.66 -12.88
CA MET A 186 23.66 -10.96 -13.44
C MET A 186 24.30 -11.86 -12.38
N ASP A 187 25.14 -11.30 -11.50
CA ASP A 187 25.72 -12.09 -10.41
C ASP A 187 24.65 -12.70 -9.53
N ALA A 188 23.60 -11.92 -9.22
CA ALA A 188 22.53 -12.46 -8.40
C ALA A 188 21.83 -13.62 -9.10
N TYR A 189 21.60 -13.52 -10.42
CA TYR A 189 20.95 -14.64 -11.10
C TYR A 189 21.88 -15.83 -11.30
N ARG A 190 23.19 -15.58 -11.41
CA ARG A 190 24.14 -16.68 -11.52
C ARG A 190 24.33 -17.41 -10.20
N ALA A 191 24.17 -16.70 -9.08
CA ALA A 191 24.64 -17.22 -7.81
C ALA A 191 24.08 -18.59 -7.42
N PRO A 192 22.80 -18.90 -7.64
CA PRO A 192 22.31 -20.24 -7.22
C PRO A 192 22.85 -21.37 -8.07
N PHE A 193 23.48 -21.06 -9.20
CA PHE A 193 23.75 -22.06 -10.24
C PHE A 193 25.21 -22.11 -10.67
N PRO A 194 26.14 -22.23 -9.71
CA PRO A 194 27.56 -22.30 -10.08
C PRO A 194 27.98 -23.63 -10.72
N THR A 195 27.26 -24.71 -10.49
CA THR A 195 27.76 -26.02 -10.87
C THR A 195 26.77 -26.77 -11.74
N PRO A 196 27.24 -27.72 -12.54
CA PRO A 196 26.31 -28.59 -13.30
C PRO A 196 25.28 -29.26 -12.40
N GLU A 197 25.71 -29.79 -11.27
CA GLU A 197 24.79 -30.36 -10.30
C GLU A 197 23.69 -29.36 -9.91
N SER A 198 24.08 -28.11 -9.65
CA SER A 198 23.12 -27.10 -9.23
C SER A 198 22.16 -26.67 -10.36
N ARG A 199 22.49 -26.95 -11.61
CA ARG A 199 21.71 -26.44 -12.73
C ARG A 199 20.67 -27.43 -13.23
N LYS A 200 20.52 -28.56 -12.55
CA LYS A 200 19.54 -29.55 -12.98
C LYS A 200 18.13 -28.99 -13.10
N PRO A 201 17.60 -28.18 -12.17
CA PRO A 201 16.27 -27.60 -12.41
C PRO A 201 16.20 -26.72 -13.63
N VAL A 202 17.29 -26.02 -13.97
CA VAL A 202 17.25 -25.08 -15.10
C VAL A 202 17.11 -25.85 -16.39
N LEU A 203 17.67 -27.06 -16.45
CA LEU A 203 17.48 -27.89 -17.64
C LEU A 203 16.13 -28.60 -17.64
N GLN A 204 15.62 -29.02 -16.47
CA GLN A 204 14.37 -29.78 -16.48
C GLN A 204 13.17 -28.92 -16.85
N TRP A 205 13.18 -27.65 -16.45
CA TRP A 205 12.03 -26.79 -16.73
C TRP A 205 11.66 -26.74 -18.21
N PRO A 206 12.58 -26.42 -19.15
CA PRO A 206 12.16 -26.44 -20.57
C PRO A 206 11.69 -27.80 -21.03
N ARG A 207 12.16 -28.89 -20.41
CA ARG A 207 11.70 -30.21 -20.79
C ARG A 207 10.32 -30.54 -20.20
N GLU A 208 9.78 -29.65 -19.38
CA GLU A 208 8.42 -29.80 -18.90
C GLU A 208 7.42 -28.99 -19.71
N LEU A 209 7.91 -28.16 -20.63
CA LEU A 209 7.02 -27.26 -21.37
C LEU A 209 6.00 -28.05 -22.17
N PRO A 210 4.72 -27.73 -22.08
CA PRO A 210 3.69 -28.51 -22.78
C PRO A 210 3.65 -28.17 -24.26
N ILE A 211 4.45 -28.88 -25.06
CA ILE A 211 4.61 -28.56 -26.46
C ILE A 211 4.34 -29.82 -27.28
N ASP A 212 3.36 -29.74 -28.19
CA ASP A 212 3.07 -30.83 -29.12
C ASP A 212 2.70 -32.11 -28.38
N GLY A 213 1.96 -31.96 -27.28
CA GLY A 213 1.47 -33.09 -26.51
C GLY A 213 2.42 -33.67 -25.48
N GLU A 214 3.65 -33.18 -25.38
CA GLU A 214 4.61 -33.79 -24.46
C GLU A 214 5.23 -32.75 -23.55
N PRO A 215 5.50 -33.09 -22.26
CA PRO A 215 5.08 -34.34 -21.63
C PRO A 215 3.59 -34.36 -21.36
N ALA A 216 2.99 -35.54 -21.45
CA ALA A 216 1.52 -35.63 -21.43
C ALA A 216 0.94 -35.21 -20.09
N ASP A 217 1.65 -35.46 -18.97
CA ASP A 217 1.13 -35.10 -17.66
C ASP A 217 1.09 -33.59 -17.45
N VAL A 218 2.10 -32.87 -17.93
CA VAL A 218 2.03 -31.41 -17.82
C VAL A 218 0.99 -30.85 -18.79
N VAL A 219 0.92 -31.41 -20.00
CA VAL A 219 -0.10 -30.97 -20.96
C VAL A 219 -1.50 -31.09 -20.34
N ALA A 220 -1.77 -32.18 -19.63
CA ALA A 220 -3.07 -32.36 -19.01
C ALA A 220 -3.29 -31.36 -17.88
N ILE A 221 -2.24 -31.07 -17.11
CA ILE A 221 -2.33 -30.07 -16.05
C ILE A 221 -2.68 -28.70 -16.63
N VAL A 222 -2.00 -28.32 -17.71
CA VAL A 222 -2.23 -27.00 -18.29
C VAL A 222 -3.61 -26.93 -18.93
N GLU A 223 -4.01 -28.02 -19.60
CA GLU A 223 -5.38 -28.09 -20.12
C GLU A 223 -6.38 -27.88 -18.99
N ALA A 224 -6.17 -28.56 -17.87
CA ALA A 224 -7.11 -28.49 -16.76
C ALA A 224 -7.22 -27.08 -16.20
N TYR A 225 -6.08 -26.40 -15.98
CA TYR A 225 -6.22 -25.06 -15.41
C TYR A 225 -6.62 -24.02 -16.45
N ALA A 226 -6.36 -24.26 -17.74
CA ALA A 226 -6.87 -23.32 -18.73
C ALA A 226 -8.40 -23.38 -18.78
N GLU A 227 -8.96 -24.58 -18.64
CA GLU A 227 -10.40 -24.72 -18.57
C GLU A 227 -10.98 -24.03 -17.33
N TRP A 228 -10.28 -24.17 -16.20
CA TRP A 228 -10.72 -23.50 -14.97
C TRP A 228 -10.63 -21.98 -15.10
N LEU A 229 -9.53 -21.48 -15.68
CA LEU A 229 -9.38 -20.04 -15.85
C LEU A 229 -10.53 -19.47 -16.68
N ALA A 230 -10.91 -20.16 -17.75
CA ALA A 230 -11.97 -19.69 -18.63
C ALA A 230 -13.35 -19.78 -17.98
N THR A 231 -13.48 -20.48 -16.87
CA THR A 231 -14.77 -20.66 -16.21
C THR A 231 -14.85 -19.99 -14.85
N SER A 232 -13.75 -19.49 -14.32
CA SER A 232 -13.73 -18.98 -12.96
C SER A 232 -13.90 -17.47 -12.95
N ASP A 233 -14.66 -16.99 -11.98
CA ASP A 233 -14.87 -15.56 -11.80
C ASP A 233 -13.71 -14.89 -11.08
N VAL A 234 -12.63 -15.60 -10.79
CA VAL A 234 -11.53 -14.98 -10.04
C VAL A 234 -11.03 -13.75 -10.80
N PRO A 235 -10.81 -12.62 -10.14
CA PRO A 235 -10.24 -11.45 -10.83
C PRO A 235 -8.88 -11.77 -11.39
N LYS A 236 -8.61 -11.27 -12.57
CA LYS A 236 -7.39 -11.57 -13.30
C LYS A 236 -6.82 -10.28 -13.87
N LEU A 237 -5.50 -10.19 -13.85
CA LEU A 237 -4.76 -9.07 -14.40
C LEU A 237 -3.63 -9.62 -15.25
N LEU A 238 -3.65 -9.29 -16.54
CA LEU A 238 -2.64 -9.72 -17.49
C LEU A 238 -1.80 -8.53 -17.91
N PHE A 239 -0.47 -8.67 -17.81
CA PHE A 239 0.46 -7.65 -18.30
C PHE A 239 0.94 -8.03 -19.69
N TYR A 240 0.95 -7.04 -20.59
CA TYR A 240 1.47 -7.23 -21.93
C TYR A 240 2.68 -6.31 -22.12
N ALA A 241 3.77 -6.86 -22.66
CA ALA A 241 4.92 -6.06 -23.05
C ALA A 241 5.12 -6.16 -24.56
N GLU A 242 5.69 -5.10 -25.14
CA GLU A 242 5.97 -5.08 -26.57
C GLU A 242 7.44 -5.37 -26.82
N PRO A 243 7.79 -6.47 -27.52
CA PRO A 243 6.89 -7.47 -28.12
C PRO A 243 6.60 -8.65 -27.21
N GLY A 244 7.30 -8.75 -26.08
CA GLY A 244 7.09 -9.91 -25.25
C GLY A 244 7.79 -11.13 -25.84
N ALA A 245 7.37 -12.29 -25.34
CA ALA A 245 7.91 -13.57 -25.82
C ALA A 245 6.81 -14.63 -25.79
N LEU A 246 6.45 -15.09 -24.59
CA LEU A 246 5.34 -16.03 -24.47
C LEU A 246 4.00 -15.35 -24.77
N ILE A 247 3.76 -14.19 -24.16
CA ILE A 247 2.51 -13.46 -24.35
C ILE A 247 2.70 -12.48 -25.50
N SER A 248 2.18 -12.84 -26.65
CA SER A 248 2.10 -12.01 -27.83
C SER A 248 0.73 -11.34 -27.89
N PRO A 249 0.53 -10.36 -28.78
CA PRO A 249 -0.83 -9.82 -28.97
C PRO A 249 -1.87 -10.89 -29.22
N GLU A 250 -1.48 -11.94 -29.95
CA GLU A 250 -2.35 -13.09 -30.19
C GLU A 250 -2.84 -13.69 -28.86
N GLN A 251 -1.91 -14.02 -27.97
CA GLN A 251 -2.29 -14.54 -26.66
C GLN A 251 -3.08 -13.53 -25.85
N VAL A 252 -2.77 -12.24 -26.00
CA VAL A 252 -3.55 -11.22 -25.32
C VAL A 252 -5.01 -11.30 -25.75
N GLU A 253 -5.23 -11.43 -27.06
CA GLU A 253 -6.59 -11.50 -27.58
C GLU A 253 -7.30 -12.76 -27.10
N TRP A 254 -6.59 -13.90 -27.09
CA TRP A 254 -7.20 -15.13 -26.57
C TRP A 254 -7.60 -14.96 -25.11
N CYS A 255 -6.75 -14.34 -24.29
CA CYS A 255 -7.12 -14.12 -22.91
C CYS A 255 -8.29 -13.16 -22.79
N ARG A 256 -8.24 -12.05 -23.53
CA ARG A 256 -9.31 -11.07 -23.44
C ARG A 256 -10.65 -11.70 -23.82
N GLU A 257 -10.63 -12.60 -24.82
CA GLU A 257 -11.88 -13.21 -25.26
C GLU A 257 -12.40 -14.27 -24.30
N ASN A 258 -11.53 -15.00 -23.61
CA ASN A 258 -11.91 -16.27 -23.01
C ASN A 258 -11.83 -16.32 -21.50
N LEU A 259 -11.14 -15.37 -20.87
CA LEU A 259 -10.93 -15.43 -19.44
C LEU A 259 -11.81 -14.40 -18.75
N PRO A 260 -12.79 -14.84 -17.95
CA PRO A 260 -13.65 -13.90 -17.24
C PRO A 260 -12.89 -13.01 -16.27
N ASN A 261 -13.40 -11.79 -16.11
CA ASN A 261 -12.98 -10.87 -15.06
C ASN A 261 -11.53 -10.42 -15.25
N LEU A 262 -11.12 -10.24 -16.50
CA LEU A 262 -9.72 -9.97 -16.82
C LEU A 262 -9.53 -8.50 -17.19
N GLU A 263 -8.51 -7.91 -16.60
CA GLU A 263 -8.00 -6.61 -17.01
C GLU A 263 -6.64 -6.80 -17.63
N VAL A 264 -6.36 -6.04 -18.68
CA VAL A 264 -5.09 -6.10 -19.40
C VAL A 264 -4.37 -4.77 -19.24
N VAL A 265 -3.08 -4.84 -18.93
CA VAL A 265 -2.26 -3.62 -18.80
C VAL A 265 -1.06 -3.75 -19.71
N HIS A 266 -0.86 -2.75 -20.56
CA HIS A 266 0.31 -2.71 -21.42
C HIS A 266 1.40 -1.93 -20.67
N VAL A 267 2.55 -2.57 -20.44
CA VAL A 267 3.60 -1.96 -19.63
C VAL A 267 4.67 -1.27 -20.44
N GLY A 268 4.60 -1.37 -21.76
CA GLY A 268 5.61 -0.76 -22.61
C GLY A 268 6.56 -1.79 -23.16
N PRO A 269 7.70 -1.34 -23.69
CA PRO A 269 8.65 -2.27 -24.31
C PRO A 269 9.16 -3.28 -23.29
N GLY A 270 9.32 -4.52 -23.75
CA GLY A 270 9.85 -5.56 -22.89
C GLY A 270 9.89 -6.89 -23.62
N LEU A 271 10.72 -7.77 -23.08
CA LEU A 271 10.81 -9.13 -23.61
C LEU A 271 10.33 -10.08 -22.52
N HIS A 272 10.95 -11.24 -22.42
CA HIS A 272 10.42 -12.24 -21.49
C HIS A 272 10.56 -11.80 -20.04
N PHE A 273 11.69 -11.22 -19.66
CA PHE A 273 11.91 -10.85 -18.25
C PHE A 273 11.53 -9.39 -18.02
N LEU A 274 10.24 -9.11 -18.24
CA LEU A 274 9.78 -7.72 -18.26
C LEU A 274 9.88 -7.07 -16.89
N GLN A 275 10.02 -7.87 -15.82
CA GLN A 275 10.30 -7.30 -14.50
C GLN A 275 11.61 -6.51 -14.48
N GLU A 276 12.52 -6.80 -15.40
CA GLU A 276 13.78 -6.08 -15.44
C GLU A 276 13.73 -4.91 -16.38
N ASP A 277 12.62 -4.76 -17.10
CA ASP A 277 12.45 -3.63 -18.01
C ASP A 277 11.45 -2.61 -17.50
N GLN A 278 10.32 -3.06 -16.93
CA GLN A 278 9.26 -2.15 -16.48
C GLN A 278 8.75 -2.49 -15.08
N PRO A 279 9.64 -2.59 -14.09
CA PRO A 279 9.17 -2.97 -12.76
C PRO A 279 8.24 -1.95 -12.14
N ASP A 280 8.47 -0.65 -12.38
CA ASP A 280 7.60 0.33 -11.74
C ASP A 280 6.20 0.30 -12.36
N ALA A 281 6.12 0.14 -13.68
CA ALA A 281 4.83 0.01 -14.35
C ALA A 281 4.05 -1.19 -13.81
N ILE A 282 4.75 -2.32 -13.62
CA ILE A 282 4.11 -3.55 -13.13
C ILE A 282 3.68 -3.38 -11.68
N GLY A 283 4.57 -2.86 -10.85
CA GLY A 283 4.24 -2.68 -9.44
C GLY A 283 3.09 -1.71 -9.22
N GLN A 284 3.10 -0.58 -9.93
CA GLN A 284 2.05 0.41 -9.73
C GLN A 284 0.70 -0.11 -10.22
N ALA A 285 0.70 -0.90 -11.30
CA ALA A 285 -0.53 -1.52 -11.78
C ALA A 285 -1.07 -2.55 -10.80
N ILE A 286 -0.19 -3.34 -10.20
CA ILE A 286 -0.66 -4.31 -9.21
C ILE A 286 -1.23 -3.59 -8.02
N ALA A 287 -0.52 -2.55 -7.53
CA ALA A 287 -1.02 -1.79 -6.39
C ALA A 287 -2.38 -1.16 -6.68
N ASP A 288 -2.56 -0.59 -7.88
CA ASP A 288 -3.85 -0.02 -8.24
C ASP A 288 -4.92 -1.10 -8.31
N TRP A 289 -4.56 -2.26 -8.83
CA TRP A 289 -5.50 -3.36 -8.96
C TRP A 289 -5.95 -3.90 -7.60
N LEU A 290 -5.00 -4.06 -6.66
CA LEU A 290 -5.38 -4.52 -5.32
C LEU A 290 -6.35 -3.56 -4.66
N GLN A 291 -6.17 -2.26 -4.89
CA GLN A 291 -7.08 -1.27 -4.31
C GLN A 291 -8.47 -1.38 -4.91
N ARG A 292 -8.57 -1.54 -6.22
CA ARG A 292 -9.89 -1.66 -6.86
C ARG A 292 -10.56 -2.95 -6.45
N LEU A 293 -9.80 -4.04 -6.32
CA LEU A 293 -10.39 -5.29 -5.83
C LEU A 293 -10.88 -5.14 -4.39
N ALA A 294 -10.16 -4.36 -3.57
CA ALA A 294 -10.63 -4.17 -2.21
C ALA A 294 -11.90 -3.34 -2.18
N SER A 295 -12.06 -2.43 -3.14
CA SER A 295 -13.24 -1.58 -3.21
C SER A 295 -14.49 -2.32 -3.68
N ARG A 296 -14.39 -3.59 -4.04
CA ARG A 296 -15.55 -4.37 -4.48
C ARG A 296 -16.18 -5.10 -3.30
N PRO B 10 -22.58 17.92 26.03
CA PRO B 10 -22.56 19.13 26.87
C PRO B 10 -21.47 20.13 26.47
N PHE B 11 -20.64 20.52 27.42
CA PHE B 11 -19.60 21.55 27.26
C PHE B 11 -20.22 22.92 27.01
N GLU B 12 -19.64 23.97 27.60
CA GLU B 12 -20.02 25.33 27.22
C GLU B 12 -19.69 25.56 25.76
N ARG B 13 -20.67 26.02 24.99
CA ARG B 13 -20.50 26.30 23.57
C ARG B 13 -20.55 27.81 23.35
N ARG B 14 -19.70 28.30 22.45
CA ARG B 14 -19.56 29.74 22.28
C ARG B 14 -19.21 30.08 20.85
N HIS B 15 -19.45 31.34 20.49
CA HIS B 15 -19.10 31.86 19.18
C HIS B 15 -18.25 33.10 19.39
N VAL B 16 -17.19 33.24 18.61
CA VAL B 16 -16.39 34.46 18.62
C VAL B 16 -16.36 35.02 17.20
N GLU B 17 -16.50 36.35 17.08
CA GLU B 17 -16.41 36.98 15.78
C GLU B 17 -14.95 37.03 15.34
N VAL B 18 -14.68 36.60 14.11
CA VAL B 18 -13.32 36.48 13.60
C VAL B 18 -13.29 36.92 12.14
N LEU B 19 -12.50 37.95 11.83
CA LEU B 19 -12.26 38.36 10.43
C LEU B 19 -13.56 38.58 9.67
N GLY B 20 -14.57 39.10 10.36
CA GLY B 20 -15.86 39.32 9.73
C GLY B 20 -16.73 38.10 9.59
N SER B 21 -16.27 36.94 10.07
CA SER B 21 -17.18 35.80 10.13
C SER B 21 -17.30 35.38 11.58
N THR B 22 -17.56 34.10 11.82
CA THR B 22 -17.81 33.58 13.15
C THR B 22 -17.05 32.27 13.27
N MET B 23 -16.49 32.01 14.45
CA MET B 23 -15.97 30.69 14.73
C MET B 23 -16.58 30.16 16.02
N HIS B 24 -16.94 28.89 15.99
CA HIS B 24 -17.62 28.25 17.08
C HIS B 24 -16.61 27.41 17.85
N TYR B 25 -16.76 27.34 19.17
CA TYR B 25 -15.88 26.48 19.93
C TYR B 25 -16.62 26.01 21.17
N VAL B 26 -16.14 24.91 21.71
CA VAL B 26 -16.60 24.41 23.00
C VAL B 26 -15.46 24.52 23.99
N GLU B 27 -15.81 24.71 25.25
CA GLU B 27 -14.81 24.95 26.28
C GLU B 27 -15.29 24.29 27.55
N THR B 28 -14.38 23.66 28.28
CA THR B 28 -14.70 23.13 29.60
C THR B 28 -13.41 22.86 30.36
N GLY B 29 -13.52 22.84 31.68
CA GLY B 29 -12.38 22.62 32.53
C GLY B 29 -11.70 23.92 32.95
N GLU B 30 -10.71 23.79 33.82
CA GLU B 30 -9.95 24.93 34.30
C GLU B 30 -8.48 24.55 34.36
N GLY B 31 -7.63 25.57 34.32
CA GLY B 31 -6.20 25.35 34.35
C GLY B 31 -5.59 25.74 33.02
N PRO B 32 -4.41 25.21 32.74
CA PRO B 32 -3.71 25.58 31.50
C PRO B 32 -4.53 25.23 30.29
N PRO B 33 -4.49 26.03 29.23
CA PRO B 33 -5.34 25.74 28.07
C PRO B 33 -4.80 24.56 27.28
N VAL B 34 -5.72 23.71 26.83
CA VAL B 34 -5.46 22.57 25.97
C VAL B 34 -6.33 22.76 24.75
N LEU B 35 -5.70 22.89 23.59
CA LEU B 35 -6.39 23.29 22.36
C LEU B 35 -6.47 22.09 21.44
N PHE B 36 -7.67 21.61 21.19
CA PHE B 36 -7.94 20.44 20.38
C PHE B 36 -8.28 20.89 18.96
N LEU B 37 -7.57 20.35 17.98
CA LEU B 37 -7.76 20.74 16.59
C LEU B 37 -8.14 19.51 15.76
N HIS B 38 -9.37 19.50 15.26
CA HIS B 38 -9.84 18.43 14.40
C HIS B 38 -9.30 18.64 12.98
N GLY B 39 -9.59 17.68 12.10
CA GLY B 39 -9.24 17.83 10.69
C GLY B 39 -10.47 17.63 9.81
N ASN B 40 -10.25 17.00 8.64
CA ASN B 40 -11.26 16.85 7.60
C ASN B 40 -11.89 15.45 7.63
N PRO B 41 -13.21 15.32 7.58
CA PRO B 41 -14.23 16.37 7.51
C PRO B 41 -15.00 16.47 8.82
N THR B 42 -14.29 16.60 9.91
CA THR B 42 -14.93 16.49 11.22
C THR B 42 -15.11 17.88 11.82
N SER B 43 -15.22 17.93 13.14
CA SER B 43 -15.46 19.14 13.89
C SER B 43 -15.02 18.90 15.32
N SER B 44 -15.29 19.85 16.20
CA SER B 44 -14.99 19.64 17.61
C SER B 44 -15.70 18.42 18.17
N TYR B 45 -16.81 18.01 17.53
CA TYR B 45 -17.53 16.80 17.94
C TYR B 45 -16.62 15.59 18.00
N LEU B 46 -15.55 15.58 17.20
CA LEU B 46 -14.60 14.48 17.22
C LEU B 46 -13.97 14.30 18.60
N TRP B 47 -13.92 15.35 19.40
CA TRP B 47 -13.20 15.32 20.66
C TRP B 47 -14.11 15.05 21.85
N ARG B 48 -15.40 14.78 21.61
CA ARG B 48 -16.39 14.80 22.67
C ARG B 48 -16.11 13.76 23.76
N ASN B 49 -15.56 12.60 23.39
CA ASN B 49 -15.30 11.54 24.37
C ASN B 49 -13.87 11.55 24.87
N ILE B 50 -13.09 12.53 24.46
CA ILE B 50 -11.73 12.70 24.94
C ILE B 50 -11.64 13.83 25.94
N ILE B 51 -12.33 14.95 25.64
CA ILE B 51 -12.26 16.11 26.53
C ILE B 51 -12.66 15.79 27.97
N PRO B 52 -13.67 14.96 28.25
CA PRO B 52 -14.01 14.72 29.66
C PRO B 52 -12.89 14.09 30.47
N HIS B 53 -11.96 13.38 29.84
CA HIS B 53 -10.80 12.85 30.57
C HIS B 53 -9.77 13.93 30.87
N VAL B 54 -9.72 14.96 30.04
CA VAL B 54 -8.71 16.00 30.15
C VAL B 54 -9.21 17.20 30.94
N ALA B 55 -10.54 17.41 31.01
CA ALA B 55 -11.08 18.65 31.55
C ALA B 55 -10.74 18.83 33.03
N ASP B 56 -10.52 17.74 33.76
CA ASP B 56 -10.10 17.85 35.15
C ASP B 56 -8.68 18.38 35.30
N HIS B 57 -7.93 18.55 34.21
CA HIS B 57 -6.53 18.94 34.31
C HIS B 57 -6.17 20.17 33.49
N GLY B 58 -7.10 20.71 32.72
CA GLY B 58 -6.77 21.87 31.92
C GLY B 58 -8.03 22.44 31.33
N ARG B 59 -7.90 23.64 30.78
CA ARG B 59 -9.03 24.31 30.14
C ARG B 59 -9.10 23.82 28.70
N CYS B 60 -10.02 22.90 28.43
CA CYS B 60 -10.10 22.31 27.11
C CYS B 60 -10.87 23.22 26.17
N ILE B 61 -10.29 23.48 25.01
CA ILE B 61 -10.85 24.39 24.02
C ILE B 61 -10.84 23.64 22.71
N ALA B 62 -11.99 23.50 22.07
CA ALA B 62 -12.05 22.83 20.78
C ALA B 62 -12.84 23.67 19.79
N PRO B 63 -12.16 24.36 18.86
CA PRO B 63 -12.85 25.12 17.82
C PRO B 63 -13.24 24.25 16.64
N ASP B 64 -14.24 24.72 15.91
CA ASP B 64 -14.56 24.20 14.60
C ASP B 64 -13.80 25.08 13.61
N LEU B 65 -12.96 24.48 12.77
CA LEU B 65 -12.27 25.26 11.75
C LEU B 65 -13.27 26.00 10.88
N ILE B 66 -12.78 27.07 10.24
CA ILE B 66 -13.69 27.88 9.43
C ILE B 66 -14.33 27.03 8.34
N GLY B 67 -15.61 27.30 8.08
CA GLY B 67 -16.38 26.53 7.11
C GLY B 67 -16.79 25.16 7.59
N MET B 68 -16.53 24.81 8.84
CA MET B 68 -16.75 23.46 9.34
C MET B 68 -17.47 23.53 10.67
N GLY B 69 -18.09 22.43 11.06
CA GLY B 69 -18.78 22.45 12.34
C GLY B 69 -19.84 23.54 12.35
N GLN B 70 -19.94 24.25 13.47
CA GLN B 70 -20.85 25.39 13.59
C GLN B 70 -20.15 26.73 13.35
N SER B 71 -18.94 26.70 12.80
CA SER B 71 -18.29 27.96 12.47
C SER B 71 -18.89 28.55 11.20
N GLY B 72 -18.58 29.81 10.97
CA GLY B 72 -19.12 30.51 9.83
C GLY B 72 -18.61 29.95 8.52
N LYS B 73 -19.29 30.35 7.44
CA LYS B 73 -19.01 29.85 6.10
C LYS B 73 -18.74 31.04 5.19
N PRO B 74 -17.61 31.74 5.38
CA PRO B 74 -17.29 32.89 4.53
C PRO B 74 -17.06 32.48 3.07
N ASP B 75 -17.12 33.47 2.20
CA ASP B 75 -16.93 33.24 0.77
C ASP B 75 -15.43 33.27 0.48
N ILE B 76 -14.78 32.15 0.75
CA ILE B 76 -13.32 32.05 0.60
C ILE B 76 -12.98 30.75 -0.13
N ASP B 77 -11.70 30.58 -0.43
CA ASP B 77 -11.29 29.37 -1.15
C ASP B 77 -11.10 28.16 -0.24
N TYR B 78 -10.95 28.37 1.06
CA TYR B 78 -10.74 27.28 2.03
C TYR B 78 -9.46 26.51 1.75
N ARG B 79 -8.44 27.22 1.24
CA ARG B 79 -7.11 26.64 1.18
C ARG B 79 -6.48 26.63 2.57
N PHE B 80 -5.39 25.89 2.73
CA PHE B 80 -4.73 25.85 4.03
C PHE B 80 -4.45 27.26 4.54
N ALA B 81 -3.96 28.14 3.66
CA ALA B 81 -3.65 29.52 4.03
C ALA B 81 -4.87 30.23 4.59
N ASP B 82 -6.05 29.96 4.05
CA ASP B 82 -7.28 30.57 4.58
C ASP B 82 -7.54 30.09 6.00
N HIS B 83 -7.44 28.77 6.22
CA HIS B 83 -7.66 28.21 7.54
C HIS B 83 -6.65 28.77 8.55
N VAL B 84 -5.41 28.98 8.12
CA VAL B 84 -4.42 29.56 9.01
C VAL B 84 -4.89 30.91 9.53
N ARG B 85 -5.32 31.78 8.61
CA ARG B 85 -5.77 33.11 8.98
C ARG B 85 -6.88 33.06 10.02
N TYR B 86 -7.89 32.22 9.79
CA TYR B 86 -9.02 32.18 10.72
C TYR B 86 -8.63 31.56 12.05
N LEU B 87 -7.83 30.50 12.03
CA LEU B 87 -7.41 29.90 13.29
C LEU B 87 -6.48 30.85 14.06
N ASP B 88 -5.60 31.55 13.35
CA ASP B 88 -4.72 32.51 14.02
C ASP B 88 -5.56 33.52 14.78
N ALA B 89 -6.58 34.07 14.11
CA ALA B 89 -7.43 35.10 14.72
C ALA B 89 -8.23 34.52 15.88
N PHE B 90 -8.69 33.29 15.77
CA PHE B 90 -9.41 32.64 16.87
C PHE B 90 -8.52 32.50 18.10
N ILE B 91 -7.31 31.97 17.90
CA ILE B 91 -6.41 31.78 19.03
C ILE B 91 -6.07 33.13 19.65
N ASP B 92 -5.89 34.16 18.83
CA ASP B 92 -5.62 35.49 19.37
C ASP B 92 -6.84 36.06 20.08
N ALA B 93 -8.04 35.78 19.56
CA ALA B 93 -9.26 36.25 20.22
C ALA B 93 -9.43 35.64 21.61
N LEU B 94 -8.87 34.46 21.84
CA LEU B 94 -8.95 33.84 23.16
C LEU B 94 -7.71 34.13 24.00
N GLY B 95 -6.70 34.78 23.43
CA GLY B 95 -5.48 35.09 24.16
C GLY B 95 -4.73 33.89 24.68
N LEU B 96 -4.77 32.76 23.98
CA LEU B 96 -4.19 31.53 24.50
C LEU B 96 -2.67 31.65 24.65
N ASP B 97 -2.17 31.20 25.79
CA ASP B 97 -0.75 31.16 26.07
C ASP B 97 -0.46 29.91 26.89
N ASP B 98 0.78 29.44 26.83
CA ASP B 98 1.14 28.20 27.53
C ASP B 98 0.21 27.08 27.11
N VAL B 99 0.04 26.92 25.81
CA VAL B 99 -1.00 26.05 25.29
C VAL B 99 -0.43 24.66 25.03
N THR B 100 -1.21 23.65 25.37
CA THR B 100 -0.91 22.29 24.96
C THR B 100 -1.79 21.98 23.76
N LEU B 101 -1.18 21.67 22.63
CA LEU B 101 -1.91 21.34 21.42
C LEU B 101 -2.23 19.86 21.40
N VAL B 102 -3.45 19.52 20.98
CA VAL B 102 -3.85 18.13 20.78
C VAL B 102 -4.46 18.12 19.38
N VAL B 103 -3.83 17.42 18.44
CA VAL B 103 -4.13 17.68 17.05
C VAL B 103 -4.27 16.40 16.25
N HIS B 104 -5.07 16.48 15.18
CA HIS B 104 -5.41 15.35 14.32
C HIS B 104 -5.49 15.81 12.87
N ASP B 105 -4.91 15.02 11.96
CA ASP B 105 -5.12 15.21 10.50
C ASP B 105 -4.73 16.63 10.12
N TRP B 106 -5.57 17.38 9.40
CA TRP B 106 -5.21 18.74 9.03
C TRP B 106 -5.13 19.66 10.23
N GLY B 107 -5.79 19.29 11.32
CA GLY B 107 -5.58 20.00 12.57
C GLY B 107 -4.14 19.94 13.02
N SER B 108 -3.44 18.86 12.69
CA SER B 108 -2.03 18.78 13.04
C SER B 108 -1.19 19.71 12.18
N ALA B 109 -1.52 19.85 10.89
CA ALA B 109 -0.75 20.78 10.07
C ALA B 109 -0.98 22.20 10.54
N LEU B 110 -2.23 22.55 10.85
CA LEU B 110 -2.51 23.89 11.38
C LEU B 110 -1.82 24.10 12.72
N GLY B 111 -1.79 23.06 13.55
CA GLY B 111 -1.19 23.19 14.87
C GLY B 111 0.32 23.25 14.82
N PHE B 112 0.94 22.45 13.95
CA PHE B 112 2.40 22.52 13.83
C PHE B 112 2.82 23.87 13.26
N HIS B 113 2.08 24.35 12.26
CA HIS B 113 2.42 25.63 11.64
C HIS B 113 2.26 26.77 12.65
N TRP B 114 1.20 26.73 13.45
CA TRP B 114 1.02 27.71 14.52
C TRP B 114 2.13 27.59 15.55
N ALA B 115 2.47 26.36 15.98
CA ALA B 115 3.49 26.20 17.00
C ALA B 115 4.84 26.74 16.55
N ARG B 116 5.22 26.49 15.30
CA ARG B 116 6.51 26.99 14.82
C ARG B 116 6.55 28.51 14.88
N ARG B 117 5.44 29.14 14.57
CA ARG B 117 5.37 30.60 14.55
C ARG B 117 5.15 31.20 15.94
N HIS B 118 4.63 30.41 16.88
CA HIS B 118 4.41 30.90 18.23
C HIS B 118 5.13 30.03 19.26
N PRO B 119 6.43 29.76 19.10
CA PRO B 119 7.07 28.75 19.94
C PRO B 119 7.03 29.09 21.42
N ASP B 120 7.13 30.36 21.77
CA ASP B 120 7.11 30.74 23.19
C ASP B 120 5.75 30.46 23.83
N ARG B 121 4.69 30.29 23.04
CA ARG B 121 3.36 30.10 23.59
C ARG B 121 2.96 28.62 23.69
N VAL B 122 3.80 27.70 23.24
CA VAL B 122 3.44 26.28 23.20
C VAL B 122 4.10 25.54 24.35
N LYS B 123 3.31 24.76 25.09
CA LYS B 123 3.82 23.94 26.18
C LYS B 123 4.07 22.50 25.77
N GLY B 124 3.34 21.99 24.79
CA GLY B 124 3.46 20.61 24.38
C GLY B 124 2.54 20.39 23.20
N ILE B 125 2.87 19.36 22.42
CA ILE B 125 2.09 18.99 21.24
C ILE B 125 1.81 17.49 21.28
N ALA B 126 0.55 17.12 21.41
CA ALA B 126 0.11 15.74 21.25
C ALA B 126 -0.55 15.62 19.90
N PHE B 127 -0.14 14.64 19.11
CA PHE B 127 -0.68 14.49 17.77
C PHE B 127 -0.95 13.04 17.46
N MET B 128 -1.90 12.84 16.55
CA MET B 128 -2.35 11.52 16.13
C MET B 128 -2.75 11.66 14.67
N GLU B 129 -2.40 10.66 13.87
CA GLU B 129 -2.79 10.64 12.46
C GLU B 129 -2.48 11.98 11.79
N ALA B 130 -1.24 12.41 11.98
CA ALA B 130 -0.81 13.77 11.71
C ALA B 130 -0.08 13.86 10.38
N ILE B 131 0.00 15.08 9.87
CA ILE B 131 0.84 15.41 8.72
C ILE B 131 2.13 15.96 9.29
N VAL B 132 3.14 15.11 9.44
CA VAL B 132 4.37 15.56 10.11
C VAL B 132 5.42 16.09 9.14
N ARG B 133 5.33 15.75 7.86
CA ARG B 133 6.30 16.14 6.86
C ARG B 133 5.67 15.95 5.49
N PRO B 134 6.25 16.52 4.44
CA PRO B 134 5.70 16.29 3.10
C PRO B 134 5.82 14.84 2.70
N MET B 135 4.90 14.40 1.84
CA MET B 135 4.95 13.07 1.28
C MET B 135 5.62 13.14 -0.08
N PRO B 136 6.86 12.67 -0.23
CA PRO B 136 7.54 12.77 -1.53
C PRO B 136 6.76 12.14 -2.67
N SER B 137 5.93 11.13 -2.38
CA SER B 137 5.05 10.56 -3.37
C SER B 137 3.91 9.86 -2.62
N TRP B 138 3.02 9.23 -3.39
CA TRP B 138 1.97 8.44 -2.78
C TRP B 138 2.52 7.23 -2.03
N ASP B 139 3.81 6.92 -2.22
CA ASP B 139 4.57 5.99 -1.41
C ASP B 139 4.27 6.16 0.08
N ASP B 140 4.14 7.41 0.52
CA ASP B 140 3.91 7.72 1.92
C ASP B 140 2.46 8.07 2.23
N PHE B 141 1.53 7.70 1.34
CA PHE B 141 0.11 7.89 1.60
C PHE B 141 -0.54 6.55 1.97
N PRO B 142 -1.51 6.59 2.88
CA PRO B 142 -2.22 5.36 3.28
C PRO B 142 -2.67 4.54 2.08
N PRO B 143 -2.20 3.30 1.98
CA PRO B 143 -2.41 2.52 0.75
C PRO B 143 -3.86 2.23 0.44
N GLN B 144 -4.74 2.18 1.44
CA GLN B 144 -6.14 1.91 1.17
C GLN B 144 -6.80 3.05 0.39
N ALA B 145 -6.21 4.25 0.40
CA ALA B 145 -6.86 5.41 -0.17
C ALA B 145 -6.05 6.13 -1.24
N ARG B 146 -4.98 5.51 -1.75
CA ARG B 146 -4.15 6.20 -2.74
C ARG B 146 -4.96 6.61 -3.96
N GLU B 147 -5.57 5.64 -4.65
CA GLU B 147 -6.30 5.95 -5.87
C GLU B 147 -7.50 6.85 -5.58
N LEU B 148 -8.15 6.64 -4.43
CA LEU B 148 -9.30 7.48 -4.08
C LEU B 148 -8.90 8.94 -3.89
N PHE B 149 -7.78 9.18 -3.21
CA PHE B 149 -7.38 10.58 -3.02
C PHE B 149 -6.74 11.15 -4.28
N GLN B 150 -6.12 10.30 -5.11
CA GLN B 150 -5.74 10.77 -6.44
C GLN B 150 -6.96 11.26 -7.21
N ALA B 151 -8.10 10.60 -7.03
CA ALA B 151 -9.33 11.03 -7.69
C ALA B 151 -9.89 12.31 -7.07
N LEU B 152 -9.93 12.38 -5.74
CA LEU B 152 -10.38 13.60 -5.08
C LEU B 152 -9.56 14.80 -5.53
N ARG B 153 -8.26 14.61 -5.75
CA ARG B 153 -7.41 15.71 -6.21
C ARG B 153 -7.54 15.97 -7.70
N THR B 154 -8.30 15.18 -8.43
CA THR B 154 -8.46 15.38 -9.86
C THR B 154 -9.62 16.35 -10.09
N PRO B 155 -9.40 17.51 -10.73
CA PRO B 155 -10.51 18.44 -10.94
C PRO B 155 -11.59 17.80 -11.78
N GLY B 156 -12.82 18.19 -11.51
CA GLY B 156 -13.97 17.57 -12.16
C GLY B 156 -14.43 16.31 -11.45
N VAL B 157 -13.51 15.35 -11.26
CA VAL B 157 -13.84 14.10 -10.61
C VAL B 157 -14.14 14.34 -9.13
N GLY B 158 -13.22 15.03 -8.45
CA GLY B 158 -13.42 15.30 -7.04
C GLY B 158 -14.70 16.06 -6.77
N GLU B 159 -15.04 17.02 -7.62
CA GLU B 159 -16.28 17.77 -7.45
C GLU B 159 -17.50 16.85 -7.46
N LYS B 160 -17.53 15.89 -8.39
CA LYS B 160 -18.63 14.92 -8.41
C LYS B 160 -18.66 14.11 -7.12
N MET B 161 -17.52 13.57 -6.71
CA MET B 161 -17.48 12.67 -5.55
C MET B 161 -17.91 13.40 -4.27
N ILE B 162 -17.49 14.64 -4.09
CA ILE B 162 -17.69 15.32 -2.82
C ILE B 162 -18.86 16.31 -2.89
N LEU B 163 -18.78 17.25 -3.83
CA LEU B 163 -19.78 18.31 -3.87
C LEU B 163 -21.15 17.75 -4.25
N GLU B 164 -21.18 16.77 -5.15
CA GLU B 164 -22.45 16.22 -5.58
C GLU B 164 -22.81 14.92 -4.86
N GLN B 165 -21.87 13.98 -4.72
CA GLN B 165 -22.17 12.68 -4.14
C GLN B 165 -21.84 12.55 -2.66
N ASN B 166 -21.28 13.59 -2.02
CA ASN B 166 -21.15 13.64 -0.56
C ASN B 166 -20.34 12.48 -0.02
N MET B 167 -19.38 11.98 -0.80
CA MET B 167 -18.76 10.69 -0.48
C MET B 167 -17.69 10.76 0.59
N PHE B 168 -17.15 11.95 0.91
CA PHE B 168 -16.24 12.01 2.05
C PHE B 168 -16.98 11.78 3.35
N ILE B 169 -18.19 12.34 3.47
CA ILE B 169 -18.96 12.19 4.70
C ILE B 169 -19.66 10.84 4.75
N GLU B 170 -20.17 10.38 3.61
CA GLU B 170 -21.00 9.19 3.59
C GLU B 170 -20.22 7.90 3.46
N LYS B 171 -18.97 7.94 2.97
CA LYS B 171 -18.23 6.69 2.78
C LYS B 171 -16.84 6.74 3.40
N ILE B 172 -16.09 7.80 3.15
CA ILE B 172 -14.70 7.84 3.60
C ILE B 172 -14.64 7.98 5.12
N LEU B 173 -15.45 8.87 5.69
CA LEU B 173 -15.46 9.01 7.14
C LEU B 173 -15.91 7.73 7.85
N PRO B 174 -17.04 7.10 7.52
CA PRO B 174 -17.35 5.80 8.16
C PRO B 174 -16.39 4.70 7.76
N GLY B 175 -15.74 4.78 6.60
CA GLY B 175 -14.74 3.82 6.21
C GLY B 175 -13.40 3.95 6.91
N SER B 176 -13.21 5.04 7.67
CA SER B 176 -11.95 5.30 8.35
C SER B 176 -12.09 5.12 9.87
N VAL B 177 -13.10 4.36 10.29
CA VAL B 177 -13.35 4.01 11.67
C VAL B 177 -13.51 2.50 11.72
N LEU B 178 -12.92 1.87 12.75
CA LEU B 178 -12.98 0.42 12.83
C LEU B 178 -14.42 -0.06 13.06
N ARG B 179 -15.13 0.60 13.97
CA ARG B 179 -16.50 0.22 14.26
C ARG B 179 -17.47 1.12 13.50
N PRO B 180 -18.74 0.72 13.41
CA PRO B 180 -19.73 1.54 12.69
C PRO B 180 -20.02 2.83 13.43
N LEU B 181 -20.05 3.95 12.67
CA LEU B 181 -20.51 5.17 13.28
C LEU B 181 -22.02 5.11 13.45
N SER B 182 -22.49 5.71 14.54
CA SER B 182 -23.90 5.64 14.85
C SER B 182 -24.70 6.65 14.02
N GLU B 183 -26.01 6.44 13.97
CA GLU B 183 -26.91 7.41 13.34
C GLU B 183 -26.69 8.81 13.91
N GLU B 184 -26.57 8.90 15.24
CA GLU B 184 -26.43 10.19 15.89
C GLU B 184 -25.09 10.83 15.57
N GLU B 185 -24.02 10.02 15.52
CA GLU B 185 -22.72 10.54 15.12
C GLU B 185 -22.73 10.99 13.66
N MET B 186 -23.34 10.19 12.78
CA MET B 186 -23.40 10.57 11.37
C MET B 186 -24.19 11.86 11.20
N ASP B 187 -25.29 12.00 11.94
CA ASP B 187 -26.06 13.24 11.89
C ASP B 187 -25.20 14.43 12.31
N ALA B 188 -24.34 14.24 13.31
CA ALA B 188 -23.51 15.34 13.77
C ALA B 188 -22.44 15.69 12.74
N TYR B 189 -21.87 14.68 12.07
CA TYR B 189 -20.84 14.96 11.08
C TYR B 189 -21.43 15.45 9.77
N ARG B 190 -22.67 15.07 9.43
CA ARG B 190 -23.32 15.53 8.22
C ARG B 190 -23.81 16.96 8.34
N ALA B 191 -24.15 17.39 9.55
CA ALA B 191 -24.92 18.63 9.72
C ALA B 191 -24.27 19.86 9.11
N PRO B 192 -22.94 20.04 9.14
CA PRO B 192 -22.38 21.26 8.54
C PRO B 192 -22.41 21.28 7.03
N PHE B 193 -22.69 20.14 6.38
CA PHE B 193 -22.44 19.98 4.94
C PHE B 193 -23.68 19.55 4.15
N PRO B 194 -24.80 20.26 4.29
CA PRO B 194 -26.02 19.81 3.58
C PRO B 194 -26.03 20.12 2.09
N THR B 195 -25.23 21.06 1.62
CA THR B 195 -25.32 21.57 0.27
C THR B 195 -23.99 21.37 -0.46
N PRO B 196 -24.03 21.30 -1.80
CA PRO B 196 -22.75 21.22 -2.54
C PRO B 196 -21.82 22.35 -2.18
N GLU B 197 -22.32 23.59 -2.18
CA GLU B 197 -21.50 24.75 -1.82
C GLU B 197 -20.88 24.59 -0.43
N SER B 198 -21.64 24.07 0.54
CA SER B 198 -21.09 23.91 1.89
C SER B 198 -19.94 22.91 1.94
N ARG B 199 -19.85 22.02 0.96
CA ARG B 199 -18.84 20.98 1.01
C ARG B 199 -17.54 21.40 0.36
N LYS B 200 -17.42 22.68 -0.03
CA LYS B 200 -16.18 23.13 -0.62
C LYS B 200 -14.95 22.93 0.28
N PRO B 201 -14.99 23.20 1.59
CA PRO B 201 -13.79 22.92 2.41
C PRO B 201 -13.46 21.45 2.46
N VAL B 202 -14.46 20.58 2.35
CA VAL B 202 -14.22 19.15 2.42
C VAL B 202 -13.48 18.69 1.18
N LEU B 203 -13.73 19.33 0.04
CA LEU B 203 -13.02 18.98 -1.19
C LEU B 203 -11.65 19.64 -1.27
N GLN B 204 -11.52 20.85 -0.75
CA GLN B 204 -10.27 21.56 -0.87
C GLN B 204 -9.19 20.94 -0.01
N TRP B 205 -9.56 20.41 1.16
CA TRP B 205 -8.56 19.84 2.06
C TRP B 205 -7.71 18.76 1.40
N PRO B 206 -8.26 17.72 0.77
CA PRO B 206 -7.38 16.73 0.12
C PRO B 206 -6.54 17.32 -1.01
N ARG B 207 -7.01 18.40 -1.62
CA ARG B 207 -6.23 19.09 -2.65
C ARG B 207 -5.10 19.93 -2.07
N GLU B 208 -5.07 20.11 -0.75
CA GLU B 208 -3.95 20.81 -0.12
C GLU B 208 -2.85 19.86 0.34
N LEU B 209 -3.11 18.56 0.33
CA LEU B 209 -2.16 17.60 0.90
C LEU B 209 -0.81 17.70 0.20
N PRO B 210 0.29 17.81 0.96
CA PRO B 210 1.61 17.89 0.33
C PRO B 210 2.09 16.56 -0.23
N ILE B 211 1.82 16.32 -1.50
CA ILE B 211 2.13 15.04 -2.15
C ILE B 211 2.85 15.33 -3.46
N ASP B 212 3.98 14.68 -3.67
CA ASP B 212 4.73 14.78 -4.92
C ASP B 212 5.07 16.22 -5.26
N GLY B 213 5.31 17.04 -4.22
CA GLY B 213 5.65 18.43 -4.40
C GLY B 213 4.50 19.35 -4.75
N GLU B 214 3.26 18.89 -4.66
CA GLU B 214 2.12 19.72 -5.01
C GLU B 214 1.06 19.66 -3.91
N PRO B 215 0.46 20.79 -3.52
CA PRO B 215 0.72 22.16 -3.99
C PRO B 215 1.98 22.73 -3.38
N ALA B 216 2.74 23.51 -4.16
CA ALA B 216 4.10 23.87 -3.75
C ALA B 216 4.10 24.68 -2.46
N ASP B 217 3.13 25.59 -2.30
CA ASP B 217 3.14 26.45 -1.13
C ASP B 217 2.87 25.66 0.16
N VAL B 218 1.96 24.69 0.12
CA VAL B 218 1.73 23.87 1.31
C VAL B 218 2.96 23.01 1.59
N VAL B 219 3.59 22.46 0.55
CA VAL B 219 4.81 21.68 0.74
C VAL B 219 5.85 22.51 1.47
N ALA B 220 6.00 23.79 1.11
CA ALA B 220 6.99 24.64 1.77
C ALA B 220 6.65 24.87 3.24
N ILE B 221 5.37 25.01 3.56
CA ILE B 221 4.95 25.22 4.94
C ILE B 221 5.20 23.96 5.77
N VAL B 222 4.86 22.79 5.23
CA VAL B 222 5.04 21.56 5.98
C VAL B 222 6.52 21.24 6.12
N GLU B 223 7.31 21.50 5.08
CA GLU B 223 8.76 21.39 5.21
C GLU B 223 9.28 22.23 6.35
N ALA B 224 8.77 23.46 6.48
CA ALA B 224 9.28 24.37 7.49
C ALA B 224 8.94 23.90 8.89
N TYR B 225 7.70 23.46 9.12
CA TYR B 225 7.42 23.00 10.47
C TYR B 225 7.97 21.61 10.74
N ALA B 226 8.23 20.80 9.71
CA ALA B 226 8.94 19.54 9.96
C ALA B 226 10.34 19.82 10.46
N GLU B 227 11.04 20.76 9.83
CA GLU B 227 12.37 21.15 10.31
C GLU B 227 12.31 21.68 11.74
N TRP B 228 11.30 22.50 12.06
CA TRP B 228 11.17 23.05 13.40
C TRP B 228 10.85 21.97 14.41
N LEU B 229 9.98 21.02 14.04
CA LEU B 229 9.66 19.93 14.96
C LEU B 229 10.88 19.07 15.24
N ALA B 230 11.72 18.86 14.22
CA ALA B 230 12.91 18.06 14.38
C ALA B 230 14.00 18.78 15.17
N THR B 231 13.87 20.08 15.41
CA THR B 231 14.87 20.82 16.17
C THR B 231 14.37 21.30 17.52
N SER B 232 13.08 21.55 17.66
CA SER B 232 12.55 22.13 18.89
C SER B 232 12.52 21.10 20.00
N ASP B 233 12.66 21.57 21.23
CA ASP B 233 12.62 20.71 22.41
C ASP B 233 11.24 20.66 23.05
N VAL B 234 10.22 21.16 22.37
CA VAL B 234 8.88 21.13 22.95
C VAL B 234 8.48 19.68 23.22
N PRO B 235 7.85 19.38 24.36
CA PRO B 235 7.38 18.01 24.59
C PRO B 235 6.39 17.61 23.50
N LYS B 236 6.56 16.39 23.00
CA LYS B 236 5.72 15.87 21.94
C LYS B 236 5.20 14.50 22.37
N LEU B 237 3.98 14.21 21.96
CA LEU B 237 3.33 12.94 22.28
C LEU B 237 2.65 12.44 21.02
N LEU B 238 3.12 11.30 20.52
CA LEU B 238 2.57 10.69 19.31
C LEU B 238 1.69 9.52 19.72
N PHE B 239 0.47 9.48 19.20
CA PHE B 239 -0.37 8.29 19.33
C PHE B 239 -0.29 7.45 18.07
N TYR B 240 -0.22 6.14 18.26
CA TYR B 240 -0.16 5.17 17.19
C TYR B 240 -1.29 4.18 17.41
N ALA B 241 -2.03 3.86 16.35
CA ALA B 241 -3.00 2.77 16.40
C ALA B 241 -2.64 1.73 15.36
N GLU B 242 -3.14 0.50 15.59
CA GLU B 242 -2.94 -0.61 14.67
C GLU B 242 -4.21 -0.84 13.88
N PRO B 243 -4.20 -0.73 12.54
CA PRO B 243 -3.06 -0.42 11.67
C PRO B 243 -2.86 1.08 11.47
N GLY B 244 -3.80 1.89 11.93
CA GLY B 244 -3.69 3.31 11.63
C GLY B 244 -3.84 3.56 10.14
N ALA B 245 -3.44 4.76 9.73
CA ALA B 245 -3.56 5.17 8.34
C ALA B 245 -2.39 6.06 7.96
N LEU B 246 -2.46 7.33 8.38
CA LEU B 246 -1.34 8.24 8.13
C LEU B 246 -0.11 7.82 8.93
N ILE B 247 -0.29 7.49 10.20
CA ILE B 247 0.85 7.16 11.07
C ILE B 247 1.01 5.64 11.03
N SER B 248 1.75 5.17 10.04
CA SER B 248 2.14 3.78 9.89
C SER B 248 3.29 3.48 10.84
N PRO B 249 3.67 2.19 11.00
CA PRO B 249 4.91 1.90 11.74
C PRO B 249 6.13 2.59 11.15
N GLU B 250 6.18 2.70 9.82
CA GLU B 250 7.26 3.45 9.17
C GLU B 250 7.27 4.90 9.65
N GLN B 251 6.09 5.52 9.73
CA GLN B 251 6.03 6.90 10.17
C GLN B 251 6.36 7.04 11.66
N VAL B 252 5.99 6.04 12.47
CA VAL B 252 6.33 6.11 13.89
C VAL B 252 7.84 6.11 14.05
N GLU B 253 8.52 5.28 13.28
CA GLU B 253 9.98 5.23 13.39
C GLU B 253 10.62 6.52 12.90
N TRP B 254 10.11 7.09 11.81
CA TRP B 254 10.65 8.39 11.37
C TRP B 254 10.48 9.44 12.46
N CYS B 255 9.31 9.49 13.12
CA CYS B 255 9.12 10.43 14.22
C CYS B 255 10.09 10.13 15.37
N ARG B 256 10.16 8.88 15.79
CA ARG B 256 11.06 8.52 16.88
C ARG B 256 12.48 8.96 16.56
N GLU B 257 12.91 8.80 15.30
CA GLU B 257 14.27 9.12 14.89
C GLU B 257 14.52 10.61 14.75
N ASN B 258 13.49 11.43 14.55
CA ASN B 258 13.74 12.79 14.13
C ASN B 258 13.17 13.85 15.05
N LEU B 259 12.27 13.50 15.96
CA LEU B 259 11.63 14.50 16.78
C LEU B 259 12.17 14.41 18.20
N PRO B 260 12.79 15.47 18.71
CA PRO B 260 13.27 15.46 20.09
C PRO B 260 12.12 15.40 21.08
N ASN B 261 12.41 14.87 22.26
CA ASN B 261 11.50 14.93 23.40
C ASN B 261 10.15 14.30 23.07
N LEU B 262 10.18 13.19 22.36
CA LEU B 262 8.97 12.51 21.89
C LEU B 262 8.65 11.32 22.78
N GLU B 263 7.39 11.24 23.20
CA GLU B 263 6.81 10.06 23.79
C GLU B 263 5.86 9.45 22.78
N VAL B 264 5.83 8.13 22.72
CA VAL B 264 4.96 7.39 21.80
C VAL B 264 4.06 6.49 22.63
N VAL B 265 2.77 6.51 22.32
CA VAL B 265 1.79 5.73 23.05
C VAL B 265 1.00 4.91 22.04
N HIS B 266 0.96 3.60 22.23
CA HIS B 266 0.10 2.75 21.42
C HIS B 266 -1.27 2.67 22.08
N VAL B 267 -2.32 2.99 21.31
CA VAL B 267 -3.68 3.04 21.86
C VAL B 267 -4.50 1.81 21.52
N GLY B 268 -3.97 0.89 20.72
CA GLY B 268 -4.72 -0.29 20.34
C GLY B 268 -5.24 -0.19 18.92
N PRO B 269 -6.24 -1.02 18.60
CA PRO B 269 -6.74 -1.05 17.22
C PRO B 269 -7.46 0.24 16.84
N GLY B 270 -7.15 0.71 15.64
CA GLY B 270 -7.81 1.90 15.12
C GLY B 270 -7.39 2.15 13.69
N LEU B 271 -8.15 2.99 13.01
CA LEU B 271 -7.83 3.34 11.63
C LEU B 271 -7.33 4.78 11.56
N HIS B 272 -8.12 5.68 10.98
CA HIS B 272 -7.72 7.07 10.91
C HIS B 272 -8.39 7.94 11.97
N PHE B 273 -9.69 7.76 12.18
CA PHE B 273 -10.39 8.54 13.21
C PHE B 273 -10.31 7.79 14.54
N LEU B 274 -9.09 7.77 15.08
CA LEU B 274 -8.76 7.04 16.30
C LEU B 274 -9.62 7.48 17.47
N GLN B 275 -10.07 8.74 17.45
CA GLN B 275 -10.91 9.24 18.53
C GLN B 275 -12.20 8.47 18.62
N GLU B 276 -12.63 7.86 17.53
CA GLU B 276 -13.88 7.12 17.51
C GLU B 276 -13.68 5.64 17.84
N ASP B 277 -12.43 5.19 17.94
CA ASP B 277 -12.13 3.80 18.29
C ASP B 277 -11.46 3.65 19.64
N GLN B 278 -10.65 4.64 20.07
CA GLN B 278 -10.01 4.54 21.37
C GLN B 278 -10.05 5.84 22.17
N PRO B 279 -11.22 6.47 22.35
CA PRO B 279 -11.23 7.75 23.07
C PRO B 279 -10.72 7.64 24.51
N ASP B 280 -11.06 6.56 25.22
CA ASP B 280 -10.64 6.44 26.61
C ASP B 280 -9.13 6.36 26.73
N ALA B 281 -8.49 5.52 25.90
CA ALA B 281 -7.04 5.40 25.93
C ALA B 281 -6.36 6.73 25.57
N ILE B 282 -6.89 7.42 24.55
CA ILE B 282 -6.29 8.70 24.17
C ILE B 282 -6.50 9.74 25.26
N GLY B 283 -7.72 9.82 25.78
CA GLY B 283 -8.00 10.81 26.80
C GLY B 283 -7.21 10.58 28.08
N GLN B 284 -7.10 9.31 28.48
CA GLN B 284 -6.29 8.99 29.66
C GLN B 284 -4.83 9.34 29.44
N ALA B 285 -4.29 9.04 28.25
CA ALA B 285 -2.88 9.33 27.97
C ALA B 285 -2.61 10.83 27.98
N ILE B 286 -3.50 11.64 27.38
CA ILE B 286 -3.28 13.08 27.39
C ILE B 286 -3.34 13.63 28.80
N ALA B 287 -4.35 13.20 29.57
CA ALA B 287 -4.46 13.60 30.97
C ALA B 287 -3.17 13.31 31.74
N ASP B 288 -2.62 12.10 31.55
CA ASP B 288 -1.39 11.73 32.26
C ASP B 288 -0.22 12.57 31.79
N TRP B 289 -0.06 12.68 30.47
CA TRP B 289 1.00 13.50 29.90
C TRP B 289 0.89 14.94 30.38
N LEU B 290 -0.31 15.50 30.35
CA LEU B 290 -0.53 16.87 30.81
C LEU B 290 -0.07 17.05 32.26
N GLN B 291 -0.34 16.07 33.11
CA GLN B 291 0.05 16.19 34.51
C GLN B 291 1.56 16.09 34.67
N ARG B 292 2.21 15.24 33.87
CA ARG B 292 3.66 15.19 33.89
C ARG B 292 4.26 16.50 33.36
N LEU B 293 3.57 17.18 32.45
CA LEU B 293 4.04 18.46 31.95
C LEU B 293 4.01 19.53 33.04
N ALA B 294 3.10 19.39 34.00
CA ALA B 294 3.04 20.31 35.13
C ALA B 294 3.76 19.73 36.33
#